data_2GF9
#
_entry.id   2GF9
#
_cell.length_a   35.700
_cell.length_b   63.222
_cell.length_c   67.695
_cell.angle_alpha   90.00
_cell.angle_beta   90.00
_cell.angle_gamma   90.00
#
_symmetry.space_group_name_H-M   'P 21 21 21'
#
loop_
_entity.id
_entity.type
_entity.pdbx_description
1 polymer 'Ras-related protein Rab-3D'
2 non-polymer 'MAGNESIUM ION'
3 non-polymer 'UNKNOWN ATOM OR ION'
4 non-polymer "GUANOSINE-5'-DIPHOSPHATE"
5 water water
#
_entity_poly.entity_id   1
_entity_poly.type   'polypeptide(L)'
_entity_poly.pdbx_seq_one_letter_code
;MGSSHHHHHHSSGLVPRGSDYMFKLLLIGNSSVGKTSFLFRYADDSFTPAFVSTVGIDFKVKTVYRHDKRIKLQIWDTAG
QERYRTITTAYYRGAMGFLLMYDIANQESFAAVQDWATQIKTYSWDNAQVILVGNKCDLEDERVVPAEDGRRLADDLGFE
FFEASAKENINVKQVFERLVDVICEKMNE
;
_entity_poly.pdbx_strand_id   A
#
loop_
_chem_comp.id
_chem_comp.type
_chem_comp.name
_chem_comp.formula
GDP RNA linking GUANOSINE-5'-DIPHOSPHATE 'C10 H15 N5 O11 P2'
MG non-polymer 'MAGNESIUM ION' 'Mg 2'
UNX non-polymer 'UNKNOWN ATOM OR ION' ?
#
# COMPACT_ATOMS: atom_id res chain seq x y z
N LEU A 14 -7.31 -7.25 16.82
CA LEU A 14 -7.11 -6.83 18.27
C LEU A 14 -7.35 -5.33 18.41
N VAL A 15 -8.51 -4.96 18.96
CA VAL A 15 -8.93 -3.55 19.02
C VAL A 15 -8.46 -2.87 20.31
N PRO A 16 -7.65 -1.80 20.18
CA PRO A 16 -7.23 -1.12 21.39
C PRO A 16 -8.33 -0.31 22.00
N ARG A 17 -8.28 -0.15 23.32
CA ARG A 17 -9.25 0.68 24.02
C ARG A 17 -9.21 2.07 23.41
N GLY A 18 -10.40 2.60 23.11
CA GLY A 18 -10.54 3.92 22.53
C GLY A 18 -10.79 3.91 21.02
N SER A 19 -10.57 2.78 20.37
CA SER A 19 -10.79 2.65 18.94
C SER A 19 -12.02 1.77 18.69
N ASP A 20 -12.68 2.01 17.55
CA ASP A 20 -13.83 1.22 17.15
C ASP A 20 -13.44 0.00 16.31
N TYR A 21 -12.39 0.16 15.49
CA TYR A 21 -11.84 -0.93 14.69
C TYR A 21 -10.34 -0.82 14.66
N MET A 22 -9.68 -1.93 14.32
CA MET A 22 -8.27 -1.92 14.04
C MET A 22 -8.13 -2.66 12.72
N PHE A 23 -7.59 -1.97 11.72
CA PHE A 23 -7.34 -2.58 10.41
C PHE A 23 -5.86 -2.72 10.20
N LYS A 24 -5.41 -3.94 9.90
CA LYS A 24 -4.05 -4.16 9.49
C LYS A 24 -3.94 -3.90 7.98
N LEU A 25 -3.00 -3.05 7.60
CA LEU A 25 -2.72 -2.75 6.19
C LEU A 25 -1.26 -3.05 5.91
N LEU A 26 -0.97 -3.53 4.70
CA LEU A 26 0.43 -3.81 4.30
C LEU A 26 0.77 -3.06 3.07
N LEU A 27 2.02 -2.55 3.00
CA LEU A 27 2.58 -2.00 1.77
C LEU A 27 3.47 -3.07 1.15
N ILE A 28 3.20 -3.41 -0.13
CA ILE A 28 3.96 -4.42 -0.85
C ILE A 28 4.34 -3.90 -2.24
N GLY A 29 5.35 -4.54 -2.84
CA GLY A 29 5.84 -4.13 -4.13
C GLY A 29 7.35 -4.29 -4.19
N ASN A 30 7.89 -4.12 -5.38
CA ASN A 30 9.32 -4.24 -5.59
C ASN A 30 10.14 -3.32 -4.75
N SER A 31 11.38 -3.71 -4.53
CA SER A 31 12.34 -2.90 -3.85
C SER A 31 12.49 -1.59 -4.63
N SER A 32 12.60 -0.50 -3.87
CA SER A 32 12.82 0.88 -4.37
C SER A 32 11.61 1.58 -4.98
N VAL A 33 10.41 0.99 -4.87
CA VAL A 33 9.24 1.70 -5.41
C VAL A 33 8.75 2.82 -4.50
N GLY A 34 9.21 2.80 -3.24
CA GLY A 34 8.85 3.87 -2.25
C GLY A 34 7.99 3.48 -1.06
N LYS A 35 7.97 2.18 -0.72
CA LYS A 35 7.11 1.68 0.37
C LYS A 35 7.45 2.33 1.69
N THR A 36 8.72 2.28 2.06
CA THR A 36 9.13 2.84 3.34
C THR A 36 8.85 4.34 3.38
N SER A 37 9.15 5.01 2.27
CA SER A 37 8.89 6.46 2.16
C SER A 37 7.40 6.78 2.25
N PHE A 38 6.57 5.95 1.62
CA PHE A 38 5.11 6.19 1.62
C PHE A 38 4.57 6.12 3.05
N LEU A 39 5.01 5.12 3.79
CA LEU A 39 4.58 4.98 5.20
C LEU A 39 5.13 6.13 6.05
N PHE A 40 6.41 6.51 5.85
CA PHE A 40 6.99 7.64 6.59
C PHE A 40 6.22 8.95 6.31
N ARG A 41 5.79 9.14 5.06
CA ARG A 41 5.03 10.33 4.74
C ARG A 41 3.68 10.30 5.43
N TYR A 42 2.99 9.16 5.37
CA TYR A 42 1.63 9.10 5.93
C TYR A 42 1.64 9.17 7.43
N ALA A 43 2.52 8.41 8.07
CA ALA A 43 2.51 8.33 9.55
C ALA A 43 3.17 9.53 10.20
N ASP A 44 4.31 9.95 9.65
CA ASP A 44 5.12 11.01 10.26
C ASP A 44 5.19 12.33 9.48
N ASP A 45 4.47 12.43 8.35
CA ASP A 45 4.48 13.60 7.43
C ASP A 45 5.87 14.14 7.22
N SER A 46 6.79 13.24 6.85
CA SER A 46 8.17 13.56 6.61
C SER A 46 8.68 12.83 5.40
N PHE A 47 9.86 13.22 4.94
CA PHE A 47 10.54 12.53 3.86
C PHE A 47 12.07 12.63 4.12
N THR A 48 12.77 11.53 3.90
CA THR A 48 14.26 11.46 4.07
C THR A 48 14.92 11.42 2.68
N PRO A 49 15.65 12.49 2.29
CA PRO A 49 16.33 12.53 0.98
C PRO A 49 17.72 11.91 1.02
N ALA A 50 17.84 10.79 1.69
CA ALA A 50 19.11 10.07 1.79
C ALA A 50 18.75 8.65 2.03
N PHE A 51 19.69 7.77 1.76
CA PHE A 51 19.48 6.35 1.94
C PHE A 51 19.38 5.99 3.42
N VAL A 52 18.29 5.31 3.78
CA VAL A 52 18.09 4.78 5.14
C VAL A 52 18.20 3.26 5.09
N SER A 53 18.98 2.69 5.99
CA SER A 53 19.14 1.23 6.08
C SER A 53 17.83 0.54 6.47
N THR A 54 17.61 -0.64 5.88
CA THR A 54 16.48 -1.50 6.24
C THR A 54 16.98 -2.56 7.21
N VAL A 55 16.30 -2.69 8.36
CA VAL A 55 16.68 -3.68 9.39
C VAL A 55 15.55 -4.67 9.71
N GLY A 56 14.46 -4.65 8.92
CA GLY A 56 13.37 -5.60 9.10
C GLY A 56 11.96 -5.01 8.98
N ILE A 57 11.01 -5.91 9.02
CA ILE A 57 9.60 -5.58 8.92
C ILE A 57 9.13 -4.93 10.20
N ASP A 58 8.31 -3.90 10.07
CA ASP A 58 7.74 -3.23 11.22
C ASP A 58 6.54 -2.42 10.78
N PHE A 59 5.83 -1.86 11.74
CA PHE A 59 4.65 -1.08 11.45
C PHE A 59 4.66 0.28 12.12
N LYS A 60 3.80 1.16 11.60
CA LYS A 60 3.49 2.43 12.22
C LYS A 60 1.97 2.53 12.31
N VAL A 61 1.48 3.45 13.12
CA VAL A 61 0.04 3.58 13.33
C VAL A 61 -0.48 4.90 12.81
N LYS A 62 -1.76 4.90 12.54
CA LYS A 62 -2.46 6.09 12.17
C LYS A 62 -3.90 5.87 12.56
N THR A 63 -4.55 6.95 12.99
CA THR A 63 -5.98 6.96 13.26
C THR A 63 -6.71 7.67 12.15
N VAL A 64 -7.78 7.06 11.66
CA VAL A 64 -8.64 7.72 10.70
C VAL A 64 -10.04 7.73 11.27
N TYR A 65 -10.75 8.82 11.03
CA TYR A 65 -12.13 8.95 11.40
C TYR A 65 -12.93 8.86 10.15
N ARG A 66 -13.64 7.77 9.99
CA ARG A 66 -14.41 7.56 8.81
C ARG A 66 -15.62 6.76 9.17
N HIS A 67 -16.72 7.01 8.47
CA HIS A 67 -17.99 6.37 8.74
C HIS A 67 -18.36 6.44 10.24
N ASP A 68 -18.16 7.62 10.85
CA ASP A 68 -18.52 7.88 12.25
C ASP A 68 -17.78 6.98 13.28
N LYS A 69 -16.59 6.52 12.94
CA LYS A 69 -15.87 5.61 13.81
C LYS A 69 -14.43 6.01 13.91
N ARG A 70 -13.79 5.65 15.02
CA ARG A 70 -12.38 5.88 15.20
C ARG A 70 -11.63 4.63 14.85
N ILE A 71 -10.94 4.66 13.72
CA ILE A 71 -10.27 3.46 13.19
C ILE A 71 -8.77 3.52 13.33
N LYS A 72 -8.22 2.57 14.07
CA LYS A 72 -6.78 2.41 14.21
C LYS A 72 -6.25 1.65 13.03
N LEU A 73 -5.30 2.23 12.31
CA LEU A 73 -4.61 1.51 11.24
C LEU A 73 -3.26 1.06 11.76
N GLN A 74 -2.97 -0.23 11.63
CA GLN A 74 -1.66 -0.78 11.93
C GLN A 74 -1.05 -1.09 10.59
N ILE A 75 -0.10 -0.26 10.17
CA ILE A 75 0.35 -0.26 8.79
C ILE A 75 1.75 -0.81 8.68
N TRP A 76 1.89 -1.95 8.02
CA TRP A 76 3.14 -2.67 7.98
C TRP A 76 3.95 -2.40 6.73
N ASP A 77 5.24 -2.12 6.94
CA ASP A 77 6.21 -2.00 5.90
C ASP A 77 6.87 -3.34 5.77
N THR A 78 6.78 -3.95 4.59
CA THR A 78 7.30 -5.30 4.36
C THR A 78 8.82 -5.32 4.13
N ALA A 79 9.47 -4.15 4.27
CA ALA A 79 10.93 -4.02 4.25
C ALA A 79 11.53 -4.44 2.90
N GLY A 80 12.66 -5.17 2.89
CA GLY A 80 13.37 -5.44 1.67
C GLY A 80 12.91 -6.63 0.87
N GLN A 81 13.56 -6.83 -0.26
CA GLN A 81 13.31 -8.00 -1.08
C GLN A 81 13.79 -9.23 -0.32
N GLU A 82 13.17 -10.37 -0.61
CA GLU A 82 13.53 -11.62 -0.01
C GLU A 82 13.96 -12.62 -1.05
N ARG A 83 14.93 -13.45 -0.69
CA ARG A 83 15.30 -14.59 -1.50
C ARG A 83 14.24 -15.68 -1.40
N TYR A 84 13.80 -15.94 -0.16
CA TYR A 84 12.72 -16.90 0.13
C TYR A 84 11.62 -16.07 0.77
N ARG A 85 10.47 -16.00 0.11
CA ARG A 85 9.35 -15.17 0.59
C ARG A 85 8.57 -15.84 1.71
N THR A 86 9.22 -15.99 2.85
CA THR A 86 8.70 -16.76 3.97
C THR A 86 8.35 -15.89 5.17
N ILE A 87 8.79 -14.62 5.21
CA ILE A 87 8.58 -13.79 6.42
C ILE A 87 7.52 -12.74 6.16
N THR A 88 7.71 -11.95 5.12
CA THR A 88 6.70 -10.94 4.73
C THR A 88 5.30 -11.55 4.63
N THR A 89 5.24 -12.70 3.98
CA THR A 89 3.97 -13.34 3.62
C THR A 89 3.17 -13.81 4.83
N ALA A 90 3.82 -14.06 5.98
CA ALA A 90 3.08 -14.43 7.18
C ALA A 90 2.16 -13.29 7.62
N TYR A 91 2.61 -12.04 7.37
CA TYR A 91 1.88 -10.84 7.80
C TYR A 91 0.68 -10.52 6.94
N TYR A 92 0.55 -11.19 5.79
CA TYR A 92 -0.62 -11.00 4.94
C TYR A 92 -1.88 -11.56 5.59
N ARG A 93 -1.71 -12.57 6.45
CA ARG A 93 -2.85 -13.18 7.12
C ARG A 93 -3.56 -12.17 7.98
N GLY A 94 -4.85 -12.03 7.76
CA GLY A 94 -5.66 -11.11 8.53
C GLY A 94 -5.58 -9.65 8.09
N ALA A 95 -4.78 -9.36 7.07
CA ALA A 95 -4.71 -7.99 6.54
C ALA A 95 -6.07 -7.61 5.96
N MET A 96 -6.55 -6.42 6.31
CA MET A 96 -7.80 -5.90 5.73
C MET A 96 -7.55 -5.25 4.38
N GLY A 97 -6.34 -4.75 4.19
CA GLY A 97 -6.00 -4.06 2.95
C GLY A 97 -4.53 -4.02 2.62
N PHE A 98 -4.26 -3.80 1.33
CA PHE A 98 -2.91 -3.68 0.78
C PHE A 98 -2.77 -2.46 -0.09
N LEU A 99 -1.59 -1.82 0.01
CA LEU A 99 -1.13 -0.87 -1.00
C LEU A 99 -0.13 -1.66 -1.83
N LEU A 100 -0.48 -1.90 -3.08
CA LEU A 100 0.40 -2.63 -4.01
C LEU A 100 1.03 -1.53 -4.85
N MET A 101 2.31 -1.29 -4.61
CA MET A 101 3.00 -0.13 -5.15
CA MET A 101 2.98 -0.13 -5.14
C MET A 101 3.97 -0.45 -6.27
N TYR A 102 3.99 0.45 -7.26
CA TYR A 102 5.01 0.46 -8.29
C TYR A 102 5.50 1.90 -8.44
N ASP A 103 6.53 2.07 -9.28
CA ASP A 103 7.20 3.36 -9.52
C ASP A 103 6.90 3.71 -10.97
N ILE A 104 6.25 4.87 -11.25
CA ILE A 104 5.86 5.17 -12.66
C ILE A 104 7.07 5.31 -13.60
N ALA A 105 8.27 5.44 -13.02
CA ALA A 105 9.50 5.57 -13.78
C ALA A 105 10.26 4.25 -13.89
N ASN A 106 9.68 3.14 -13.43
CA ASN A 106 10.37 1.85 -13.47
C ASN A 106 9.42 0.77 -14.01
N GLN A 107 9.62 0.39 -15.28
CA GLN A 107 8.71 -0.52 -15.92
C GLN A 107 8.67 -1.89 -15.24
N GLU A 108 9.82 -2.37 -14.79
CA GLU A 108 9.87 -3.68 -14.13
C GLU A 108 8.99 -3.72 -12.89
N SER A 109 8.97 -2.63 -12.13
CA SER A 109 8.17 -2.60 -10.92
C SER A 109 6.65 -2.77 -11.27
N PHE A 110 6.26 -2.25 -12.44
CA PHE A 110 4.88 -2.38 -12.93
C PHE A 110 4.64 -3.79 -13.49
N ALA A 111 5.63 -4.33 -14.21
CA ALA A 111 5.50 -5.69 -14.73
C ALA A 111 5.31 -6.71 -13.60
N ALA A 112 5.90 -6.41 -12.44
CA ALA A 112 5.79 -7.27 -11.26
C ALA A 112 4.42 -7.26 -10.55
N VAL A 113 3.54 -6.34 -10.93
CA VAL A 113 2.28 -6.16 -10.21
C VAL A 113 1.46 -7.45 -10.12
N GLN A 114 1.34 -8.17 -11.23
CA GLN A 114 0.58 -9.42 -11.21
C GLN A 114 1.16 -10.45 -10.24
N ASP A 115 2.49 -10.54 -10.13
CA ASP A 115 3.12 -11.45 -9.17
C ASP A 115 2.74 -11.04 -7.73
N TRP A 116 2.79 -9.73 -7.41
CA TRP A 116 2.38 -9.27 -6.08
C TRP A 116 0.89 -9.55 -5.83
N ALA A 117 0.06 -9.35 -6.85
CA ALA A 117 -1.36 -9.61 -6.74
C ALA A 117 -1.62 -11.10 -6.45
N THR A 118 -0.88 -11.98 -7.11
CA THR A 118 -0.99 -13.43 -6.86
C THR A 118 -0.66 -13.74 -5.41
N GLN A 119 0.38 -13.08 -4.87
CA GLN A 119 0.74 -13.29 -3.46
C GLN A 119 -0.36 -12.88 -2.52
N ILE A 120 -1.04 -11.77 -2.84
CA ILE A 120 -2.17 -11.32 -2.02
C ILE A 120 -3.25 -12.39 -1.95
N LYS A 121 -3.57 -12.97 -3.09
CA LYS A 121 -4.61 -13.97 -3.13
CA LYS A 121 -4.61 -14.00 -3.14
C LYS A 121 -4.17 -15.27 -2.43
N THR A 122 -2.89 -15.60 -2.53
CA THR A 122 -2.37 -16.83 -1.89
C THR A 122 -2.39 -16.75 -0.38
N TYR A 123 -1.99 -15.59 0.15
CA TYR A 123 -1.71 -15.47 1.59
C TYR A 123 -2.69 -14.66 2.42
N SER A 124 -3.67 -14.04 1.80
CA SER A 124 -4.68 -13.28 2.53
C SER A 124 -6.08 -13.75 2.17
N TRP A 125 -7.01 -13.53 3.09
CA TRP A 125 -8.41 -13.88 2.83
C TRP A 125 -8.95 -13.10 1.62
N ASP A 126 -9.96 -13.67 0.95
CA ASP A 126 -10.43 -13.13 -0.31
C ASP A 126 -11.02 -11.71 -0.18
N ASN A 127 -11.51 -11.36 1.01
CA ASN A 127 -12.11 -10.02 1.17
C ASN A 127 -11.09 -8.90 1.45
N ALA A 128 -9.79 -9.23 1.53
CA ALA A 128 -8.76 -8.16 1.63
C ALA A 128 -8.88 -7.25 0.41
N GLN A 129 -8.81 -5.94 0.65
CA GLN A 129 -8.97 -4.93 -0.37
C GLN A 129 -7.61 -4.43 -0.78
N VAL A 130 -7.53 -3.90 -2.01
CA VAL A 130 -6.23 -3.51 -2.57
C VAL A 130 -6.34 -2.21 -3.34
N ILE A 131 -5.38 -1.32 -3.11
CA ILE A 131 -5.24 -0.15 -3.95
C ILE A 131 -3.89 -0.28 -4.67
N LEU A 132 -3.93 -0.15 -5.99
CA LEU A 132 -2.75 -0.13 -6.82
C LEU A 132 -2.28 1.31 -6.85
N VAL A 133 -1.03 1.54 -6.47
CA VAL A 133 -0.46 2.87 -6.33
C VAL A 133 0.73 3.07 -7.28
N GLY A 134 0.59 4.00 -8.21
CA GLY A 134 1.69 4.40 -9.07
C GLY A 134 2.41 5.52 -8.34
N ASN A 135 3.41 5.16 -7.54
CA ASN A 135 4.17 6.13 -6.77
C ASN A 135 5.19 6.88 -7.64
N LYS A 136 5.71 7.97 -7.09
CA LYS A 136 6.71 8.84 -7.73
C LYS A 136 6.10 9.59 -8.91
N CYS A 137 4.84 10.02 -8.75
CA CYS A 137 4.17 10.73 -9.87
C CYS A 137 4.83 12.08 -10.16
N ASP A 138 5.69 12.53 -9.25
CA ASP A 138 6.50 13.74 -9.47
C ASP A 138 7.54 13.56 -10.62
N LEU A 139 7.82 12.32 -11.00
CA LEU A 139 8.83 12.01 -12.00
C LEU A 139 8.27 11.96 -13.43
N GLU A 140 7.48 12.94 -13.80
CA GLU A 140 6.90 12.97 -15.13
C GLU A 140 7.98 12.91 -16.22
N ASP A 141 9.13 13.55 -15.99
CA ASP A 141 10.24 13.59 -16.96
CA ASP A 141 10.18 13.58 -17.02
C ASP A 141 10.84 12.22 -17.22
N GLU A 142 10.56 11.25 -16.34
CA GLU A 142 11.09 9.88 -16.49
C GLU A 142 9.97 8.84 -16.56
N ARG A 143 8.72 9.30 -16.69
CA ARG A 143 7.59 8.39 -16.73
C ARG A 143 7.74 7.34 -17.84
N VAL A 144 7.52 6.10 -17.47
CA VAL A 144 7.42 5.01 -18.46
C VAL A 144 6.13 4.23 -18.37
N VAL A 145 5.38 4.38 -17.26
CA VAL A 145 4.10 3.67 -17.09
C VAL A 145 2.97 4.69 -17.16
N PRO A 146 2.22 4.73 -18.29
CA PRO A 146 1.11 5.65 -18.32
C PRO A 146 0.08 5.34 -17.24
N ALA A 147 -0.55 6.36 -16.67
CA ALA A 147 -1.58 6.11 -15.65
C ALA A 147 -2.71 5.20 -16.18
N GLU A 148 -3.07 5.36 -17.46
CA GLU A 148 -4.12 4.53 -18.05
C GLU A 148 -3.77 3.05 -18.02
N ASP A 149 -2.50 2.72 -18.11
CA ASP A 149 -2.06 1.31 -18.04
C ASP A 149 -2.25 0.78 -16.60
N GLY A 150 -1.94 1.61 -15.62
CA GLY A 150 -2.17 1.24 -14.22
C GLY A 150 -3.66 1.04 -13.96
N ARG A 151 -4.49 1.95 -14.48
CA ARG A 151 -5.92 1.86 -14.29
C ARG A 151 -6.48 0.61 -14.92
N ARG A 152 -6.00 0.28 -16.13
CA ARG A 152 -6.49 -0.93 -16.82
C ARG A 152 -6.17 -2.20 -16.00
N LEU A 153 -4.94 -2.28 -15.49
CA LEU A 153 -4.54 -3.43 -14.69
C LEU A 153 -5.32 -3.46 -13.37
N ALA A 154 -5.49 -2.31 -12.73
CA ALA A 154 -6.28 -2.25 -11.49
C ALA A 154 -7.71 -2.75 -11.75
N ASP A 155 -8.30 -2.31 -12.84
CA ASP A 155 -9.65 -2.77 -13.20
C ASP A 155 -9.65 -4.29 -13.44
N ASP A 156 -8.64 -4.78 -14.18
CA ASP A 156 -8.52 -6.22 -14.45
C ASP A 156 -8.53 -7.04 -13.16
N LEU A 157 -7.80 -6.54 -12.16
CA LEU A 157 -7.50 -7.31 -10.94
C LEU A 157 -8.45 -7.00 -9.77
N GLY A 158 -9.34 -6.04 -9.96
CA GLY A 158 -10.31 -5.68 -8.92
C GLY A 158 -9.77 -4.76 -7.84
N PHE A 159 -8.85 -3.88 -8.22
CA PHE A 159 -8.21 -2.96 -7.30
C PHE A 159 -8.63 -1.51 -7.54
N GLU A 160 -8.53 -0.68 -6.49
CA GLU A 160 -8.62 0.75 -6.66
C GLU A 160 -7.31 1.25 -7.28
N PHE A 161 -7.29 2.50 -7.70
CA PHE A 161 -6.09 3.06 -8.32
C PHE A 161 -5.90 4.54 -8.04
N PHE A 162 -4.66 4.91 -7.73
CA PHE A 162 -4.23 6.29 -7.70
C PHE A 162 -2.76 6.39 -8.13
N GLU A 163 -2.39 7.52 -8.74
CA GLU A 163 -0.96 7.91 -8.76
C GLU A 163 -0.71 8.78 -7.53
N ALA A 164 0.51 8.74 -7.02
CA ALA A 164 0.85 9.44 -5.79
C ALA A 164 2.32 9.74 -5.74
N SER A 165 2.72 10.52 -4.73
CA SER A 165 4.15 10.82 -4.49
C SER A 165 4.42 10.93 -3.02
N ALA A 166 5.17 9.97 -2.47
CA ALA A 166 5.61 10.08 -1.08
C ALA A 166 6.47 11.33 -0.93
N LYS A 167 7.30 11.60 -1.93
CA LYS A 167 8.26 12.70 -1.83
C LYS A 167 7.58 14.04 -1.73
N GLU A 168 6.56 14.26 -2.56
CA GLU A 168 5.88 15.59 -2.62
C GLU A 168 4.56 15.63 -1.88
N ASN A 169 4.22 14.53 -1.19
CA ASN A 169 2.96 14.42 -0.44
C ASN A 169 1.75 14.63 -1.32
N ILE A 170 1.75 13.91 -2.44
CA ILE A 170 0.64 13.93 -3.39
C ILE A 170 -0.16 12.64 -3.28
N ASN A 171 -1.44 12.77 -2.95
CA ASN A 171 -2.39 11.65 -2.85
C ASN A 171 -2.04 10.56 -1.84
N VAL A 172 -1.16 10.85 -0.89
CA VAL A 172 -0.82 9.85 0.13
C VAL A 172 -2.03 9.64 1.05
N LYS A 173 -2.57 10.73 1.58
CA LYS A 173 -3.80 10.66 2.40
C LYS A 173 -4.96 10.02 1.60
N GLN A 174 -5.12 10.47 0.36
CA GLN A 174 -6.20 9.98 -0.53
C GLN A 174 -6.16 8.46 -0.72
N VAL A 175 -4.96 7.94 -0.88
CA VAL A 175 -4.76 6.49 -1.08
C VAL A 175 -5.21 5.71 0.17
N PHE A 176 -4.73 6.12 1.33
CA PHE A 176 -5.12 5.40 2.57
C PHE A 176 -6.59 5.52 2.89
N GLU A 177 -7.14 6.70 2.68
CA GLU A 177 -8.55 6.95 2.99
C GLU A 177 -9.47 6.18 2.04
N ARG A 178 -9.12 6.11 0.76
CA ARG A 178 -9.87 5.29 -0.20
C ARG A 178 -9.85 3.82 0.20
N LEU A 179 -8.67 3.34 0.59
CA LEU A 179 -8.54 1.95 1.04
C LEU A 179 -9.43 1.68 2.27
N VAL A 180 -9.43 2.58 3.25
CA VAL A 180 -10.27 2.42 4.46
C VAL A 180 -11.75 2.39 4.03
N ASP A 181 -12.13 3.29 3.12
CA ASP A 181 -13.54 3.33 2.64
C ASP A 181 -13.96 2.00 2.02
N VAL A 182 -13.16 1.45 1.11
CA VAL A 182 -13.56 0.17 0.43
C VAL A 182 -13.55 -1.01 1.38
N ILE A 183 -12.67 -0.97 2.40
CA ILE A 183 -12.69 -1.98 3.43
C ILE A 183 -14.03 -1.91 4.20
N CYS A 184 -14.45 -0.71 4.59
CA CYS A 184 -15.72 -0.53 5.31
C CYS A 184 -16.91 -0.96 4.48
N GLU A 185 -16.88 -0.63 3.19
CA GLU A 185 -17.97 -1.03 2.28
C GLU A 185 -18.06 -2.53 2.19
N LYS A 186 -16.93 -3.21 2.00
CA LYS A 186 -16.94 -4.67 1.90
C LYS A 186 -17.42 -5.31 3.22
N MET A 187 -17.02 -4.73 4.35
CA MET A 187 -17.43 -5.25 5.66
CA MET A 187 -17.41 -5.24 5.67
C MET A 187 -18.93 -5.24 5.84
N ASN A 188 -19.61 -4.27 5.22
CA ASN A 188 -21.08 -4.16 5.38
C ASN A 188 -21.89 -4.95 4.36
N GLU A 189 -21.23 -5.73 3.50
CA GLU A 189 -21.95 -6.48 2.49
C GLU A 189 -23.00 -7.40 3.09
MG MG B . 11.77 -0.11 2.29
UNK UNX C . -15.83 1.07 8.89
UNK UNX D . 11.12 15.44 6.56
PB GDP E . 11.22 0.75 -0.79
O1B GDP E . 10.97 0.84 0.70
O2B GDP E . 12.45 -0.05 -1.18
O3B GDP E . 9.98 0.38 -1.60
O3A GDP E . 11.52 2.30 -1.27
PA GDP E . 12.06 3.52 -0.38
O1A GDP E . 10.95 4.17 0.37
O2A GDP E . 13.28 3.12 0.39
O5' GDP E . 12.41 4.55 -1.57
C5' GDP E . 13.34 4.17 -2.60
C4' GDP E . 13.95 5.41 -3.24
O4' GDP E . 12.89 6.09 -3.93
C3' GDP E . 14.53 6.40 -2.25
O3' GDP E . 15.65 7.07 -2.86
C2' GDP E . 13.39 7.36 -2.01
O2' GDP E . 13.79 8.66 -1.58
C1' GDP E . 12.78 7.41 -3.39
N9 GDP E . 11.38 7.78 -3.37
C8 GDP E . 10.38 7.29 -2.56
N7 GDP E . 9.19 7.85 -2.85
C5 GDP E . 9.43 8.74 -3.86
C6 GDP E . 8.64 9.66 -4.65
O6 GDP E . 7.38 9.80 -4.45
N1 GDP E . 9.27 10.36 -5.61
C2 GDP E . 10.60 10.25 -5.88
N2 GDP E . 11.12 10.99 -6.86
N3 GDP E . 11.40 9.43 -5.17
C4 GDP E . 10.86 8.66 -4.20
#